data_9VRR
#
_entry.id   9VRR
#
_cell.length_a   59.800
_cell.length_b   79.190
_cell.length_c   81.131
_cell.angle_alpha   90.00
_cell.angle_beta   111.40
_cell.angle_gamma   90.00
#
_symmetry.space_group_name_H-M   'P 1 21 1'
#
loop_
_entity.id
_entity.type
_entity.pdbx_description
1 polymer 'Tyrosine-protein phosphatase non-receptor type 2'
2 non-polymer 5-[2-fluoranyl-4-[1-(3-methylbutyl)azetidin-3-yl]-6-oxidanyl-phenyl]-1,1-bis(oxidanylidene)-1,2,5-thiadiazolidin-3-one
3 water water
#
_entity_poly.entity_id   1
_entity_poly.type   'polypeptide(L)'
_entity_poly.pdbx_seq_one_letter_code
;GPLGSPWGSIEREFEELDTQRRWQPLYLEIRNESHDYPHRVAKFPENRNRNRYRDVSPYDHSRVKLQNAENDYINASLVD
IEEAQRSYILTQGPLPNTCCHFWLMVWQQKTKAVVMLNRIVEKESVKCAQYWPTDDQEMLFKETGFSVKLLSEDVKSYYT
VHLLQLENINSGETRTISHFHYTTWPDFGVPESPASFLNFLFKVRESGSLNPDHGPAVIHCSAGIGRSGTFSLVDTCLVL
MEKGDDINIKQVLLNMRKYRMGLIQTPDQLRFSYMAIIEGAKCIKGDSSIQKRWKELSKED
;
_entity_poly.pdbx_strand_id   B,A
#
# COMPACT_ATOMS: atom_id res chain seq x y z
N GLY A 1 -4.00 26.64 0.22
CA GLY A 1 -3.23 25.71 -0.61
C GLY A 1 -2.73 26.35 -1.90
N PRO A 2 -2.51 25.52 -2.92
CA PRO A 2 -2.04 26.03 -4.22
C PRO A 2 -3.09 26.91 -4.90
N LEU A 3 -2.62 27.64 -5.93
CA LEU A 3 -3.45 28.56 -6.71
C LEU A 3 -4.29 27.88 -7.80
N GLY A 4 -3.94 26.68 -8.23
CA GLY A 4 -4.69 26.07 -9.31
C GLY A 4 -6.13 25.68 -8.93
N SER A 5 -6.84 25.09 -9.91
CA SER A 5 -8.14 24.46 -9.70
C SER A 5 -7.95 23.03 -9.17
N PRO A 6 -9.03 22.38 -8.71
CA PRO A 6 -8.89 21.00 -8.20
C PRO A 6 -8.19 20.04 -9.17
N TRP A 7 -8.37 20.19 -10.49
CA TRP A 7 -7.76 19.35 -11.50
C TRP A 7 -6.55 19.99 -12.20
N GLY A 8 -6.04 21.12 -11.69
CA GLY A 8 -5.02 21.87 -12.42
C GLY A 8 -3.68 21.16 -12.54
N SER A 9 -3.24 20.50 -11.46
CA SER A 9 -1.97 19.79 -11.54
C SER A 9 -2.00 18.68 -12.60
N ILE A 10 -3.11 17.94 -12.67
CA ILE A 10 -3.22 16.84 -13.63
C ILE A 10 -3.32 17.38 -15.06
N GLU A 11 -4.06 18.46 -15.25
CA GLU A 11 -4.25 19.05 -16.58
C GLU A 11 -2.94 19.60 -17.16
N ARG A 12 -2.11 20.24 -16.33
CA ARG A 12 -0.84 20.75 -16.82
C ARG A 12 0.11 19.62 -17.18
N GLU A 13 0.11 18.54 -16.40
CA GLU A 13 0.92 17.37 -16.75
C GLU A 13 0.47 16.75 -18.08
N PHE A 14 -0.84 16.66 -18.31
CA PHE A 14 -1.38 16.16 -19.58
C PHE A 14 -0.89 16.98 -20.77
N GLU A 15 -0.95 18.31 -20.66
CA GLU A 15 -0.53 19.17 -21.77
C GLU A 15 0.96 19.01 -22.06
N GLU A 16 1.77 18.91 -21.00
CA GLU A 16 3.21 18.73 -21.16
C GLU A 16 3.54 17.39 -21.84
N LEU A 17 2.84 16.31 -21.45
CA LEU A 17 3.06 15.03 -22.10
C LEU A 17 2.71 15.09 -23.58
N ASP A 18 1.62 15.78 -23.93
CA ASP A 18 1.23 15.94 -25.34
C ASP A 18 2.28 16.72 -26.13
N THR A 19 2.70 17.89 -25.62
CA THR A 19 3.63 18.74 -26.38
C THR A 19 4.96 18.05 -26.61
N GLN A 20 5.52 17.39 -25.58
CA GLN A 20 6.77 16.66 -25.71
C GLN A 20 6.63 15.24 -26.24
N ARG A 21 5.41 14.81 -26.60
CA ARG A 21 5.12 13.48 -27.13
C ARG A 21 5.79 12.38 -26.30
N ARG A 22 5.49 12.39 -25.00
CA ARG A 22 6.17 11.53 -24.05
C ARG A 22 5.28 10.43 -23.46
N TRP A 23 4.13 10.12 -24.09
CA TRP A 23 3.24 9.06 -23.57
C TRP A 23 3.90 7.68 -23.60
N GLN A 24 4.61 7.35 -24.70
CA GLN A 24 5.26 6.03 -24.74
C GLN A 24 6.39 5.92 -23.72
N PRO A 25 7.30 6.89 -23.59
CA PRO A 25 8.31 6.80 -22.51
C PRO A 25 7.72 6.68 -21.10
N LEU A 26 6.65 7.41 -20.78
CA LEU A 26 6.03 7.25 -19.45
C LEU A 26 5.45 5.85 -19.28
N TYR A 27 4.75 5.33 -20.29
CA TYR A 27 4.22 3.95 -20.19
C TYR A 27 5.35 2.96 -19.90
N LEU A 28 6.52 3.17 -20.52
CA LEU A 28 7.67 2.28 -20.29
C LEU A 28 8.21 2.41 -18.86
N GLU A 29 8.21 3.61 -18.28
CA GLU A 29 8.64 3.73 -16.89
C GLU A 29 7.76 2.89 -15.98
N ILE A 30 6.43 2.98 -16.18
CA ILE A 30 5.47 2.26 -15.34
C ILE A 30 5.72 0.75 -15.43
N ARG A 31 5.95 0.25 -16.63
CA ARG A 31 6.23 -1.17 -16.79
C ARG A 31 7.49 -1.57 -16.05
N ASN A 32 8.54 -0.74 -16.11
CA ASN A 32 9.83 -1.09 -15.52
C ASN A 32 9.83 -1.03 -14.00
N GLU A 33 9.03 -0.14 -13.40
CA GLU A 33 8.97 0.02 -11.95
C GLU A 33 7.92 -0.88 -11.28
N SER A 34 7.18 -1.70 -12.04
CA SER A 34 6.18 -2.62 -11.48
C SER A 34 6.89 -3.87 -10.98
N HIS A 35 6.80 -4.15 -9.70
CA HIS A 35 7.46 -5.36 -9.20
C HIS A 35 6.57 -6.57 -9.47
N ASP A 36 7.20 -7.74 -9.50
CA ASP A 36 6.55 -9.04 -9.61
C ASP A 36 6.39 -9.64 -8.21
N TYR A 37 5.35 -10.45 -8.04
CA TYR A 37 5.02 -11.10 -6.77
C TYR A 37 4.65 -12.55 -7.03
N PRO A 38 4.79 -13.44 -6.03
CA PRO A 38 4.53 -14.87 -6.28
C PRO A 38 3.12 -15.16 -6.80
N HIS A 39 3.07 -16.07 -7.79
CA HIS A 39 1.80 -16.58 -8.34
C HIS A 39 1.91 -18.10 -8.54
N ARG A 40 2.27 -18.82 -7.47
CA ARG A 40 2.49 -20.27 -7.55
C ARG A 40 1.19 -21.07 -7.78
N VAL A 41 0.13 -20.77 -7.01
CA VAL A 41 -1.11 -21.57 -7.10
C VAL A 41 -1.66 -21.54 -8.52
N ALA A 42 -1.58 -20.39 -9.18
CA ALA A 42 -2.07 -20.26 -10.56
C ALA A 42 -1.40 -21.25 -11.51
N LYS A 43 -0.17 -21.66 -11.19
CA LYS A 43 0.63 -22.53 -12.05
C LYS A 43 0.58 -24.01 -11.66
N PHE A 44 -0.23 -24.40 -10.68
CA PHE A 44 -0.40 -25.82 -10.41
C PHE A 44 -0.97 -26.54 -11.63
N PRO A 45 -0.52 -27.77 -11.91
CA PRO A 45 -1.09 -28.52 -13.06
C PRO A 45 -2.61 -28.66 -13.04
N GLU A 46 -3.23 -28.83 -11.86
CA GLU A 46 -4.68 -29.02 -11.75
C GLU A 46 -5.47 -27.76 -12.14
N ASN A 47 -4.81 -26.61 -12.26
CA ASN A 47 -5.48 -25.37 -12.62
C ASN A 47 -5.23 -24.93 -14.07
N ARG A 48 -4.60 -25.77 -14.90
CA ARG A 48 -4.29 -25.32 -16.26
C ARG A 48 -5.56 -25.05 -17.08
N ASN A 49 -6.62 -25.87 -16.91
CA ASN A 49 -7.86 -25.58 -17.65
C ASN A 49 -8.74 -24.51 -17.00
N ARG A 50 -8.29 -23.83 -15.93
CA ARG A 50 -9.01 -22.72 -15.28
C ARG A 50 -8.49 -21.34 -15.70
N ASN A 51 -7.43 -21.28 -16.51
CA ASN A 51 -6.85 -20.01 -16.97
C ASN A 51 -7.09 -19.81 -18.45
N ARG A 52 -7.58 -18.63 -18.85
CA ARG A 52 -7.79 -18.29 -20.28
C ARG A 52 -6.45 -18.04 -21.02
N TYR A 53 -5.50 -17.29 -20.39
CA TYR A 53 -4.22 -16.86 -20.96
C TYR A 53 -3.06 -17.25 -20.02
N ARG A 54 -2.03 -17.96 -20.55
CA ARG A 54 -0.88 -18.40 -19.74
C ARG A 54 -0.04 -17.24 -19.20
N ASP A 55 -0.10 -16.08 -19.82
CA ASP A 55 0.69 -14.94 -19.34
C ASP A 55 -0.07 -14.01 -18.36
N VAL A 56 -1.31 -14.34 -17.94
CA VAL A 56 -2.10 -13.48 -17.04
C VAL A 56 -2.58 -14.31 -15.84
N SER A 57 -2.03 -14.02 -14.66
CA SER A 57 -2.30 -14.76 -13.42
C SER A 57 -2.57 -13.84 -12.25
N PRO A 58 -3.40 -14.29 -11.31
CA PRO A 58 -3.54 -13.56 -10.04
C PRO A 58 -2.38 -13.88 -9.08
N TYR A 59 -1.95 -12.86 -8.32
CA TYR A 59 -0.94 -13.05 -7.27
C TYR A 59 -1.50 -13.84 -6.07
N ASP A 60 -0.63 -14.64 -5.43
CA ASP A 60 -1.07 -15.48 -4.31
C ASP A 60 -1.61 -14.64 -3.15
N HIS A 61 -0.99 -13.50 -2.85
CA HIS A 61 -1.39 -12.73 -1.68
C HIS A 61 -2.74 -12.04 -1.84
N SER A 62 -3.25 -11.83 -3.07
CA SER A 62 -4.52 -11.14 -3.24
C SER A 62 -5.58 -11.96 -4.02
N ARG A 63 -5.34 -13.23 -4.32
CA ARG A 63 -6.30 -13.97 -5.10
C ARG A 63 -7.59 -14.19 -4.30
N VAL A 64 -8.74 -14.29 -5.00
CA VAL A 64 -10.03 -14.58 -4.36
C VAL A 64 -10.22 -16.09 -4.22
N LYS A 65 -10.53 -16.55 -3.00
CA LYS A 65 -10.67 -17.99 -2.75
C LYS A 65 -12.13 -18.44 -2.76
N LEU A 66 -12.39 -19.58 -3.41
CA LEU A 66 -13.71 -20.19 -3.36
C LEU A 66 -13.87 -21.01 -2.06
N GLN A 67 -15.02 -20.87 -1.38
CA GLN A 67 -15.26 -21.50 -0.07
C GLN A 67 -16.01 -22.83 -0.23
N ASN A 68 -15.72 -23.79 0.67
CA ASN A 68 -16.40 -25.14 0.67
C ASN A 68 -16.28 -25.86 -0.67
N ALA A 69 -15.11 -25.79 -1.32
CA ALA A 69 -14.87 -26.50 -2.58
C ALA A 69 -13.56 -27.28 -2.48
N GLU A 70 -13.48 -28.41 -3.18
CA GLU A 70 -12.25 -29.21 -3.14
C GLU A 70 -11.06 -28.45 -3.73
N ASN A 71 -11.26 -27.71 -4.82
CA ASN A 71 -10.25 -26.85 -5.42
C ASN A 71 -10.73 -25.41 -5.32
N ASP A 72 -10.00 -24.59 -4.56
CA ASP A 72 -10.47 -23.25 -4.19
C ASP A 72 -10.09 -22.16 -5.22
N TYR A 73 -9.52 -22.55 -6.38
CA TYR A 73 -8.88 -21.57 -7.28
C TYR A 73 -9.80 -20.97 -8.35
N ILE A 74 -9.73 -19.65 -8.55
CA ILE A 74 -10.32 -18.95 -9.70
C ILE A 74 -9.36 -17.82 -10.07
N ASN A 75 -9.27 -17.51 -11.37
CA ASN A 75 -8.40 -16.42 -11.85
C ASN A 75 -9.12 -15.08 -11.61
N ALA A 76 -8.99 -14.58 -10.36
CA ALA A 76 -9.61 -13.34 -9.86
C ALA A 76 -8.80 -12.79 -8.68
N SER A 77 -8.81 -11.45 -8.52
CA SER A 77 -7.97 -10.70 -7.59
C SER A 77 -8.79 -9.64 -6.86
N LEU A 78 -8.56 -9.47 -5.54
CA LEU A 78 -9.22 -8.41 -4.78
C LEU A 78 -8.34 -7.15 -4.77
N VAL A 79 -8.86 -6.06 -5.28
CA VAL A 79 -8.17 -4.76 -5.35
C VAL A 79 -8.88 -3.85 -4.35
N ASP A 80 -8.32 -3.71 -3.15
CA ASP A 80 -8.99 -2.86 -2.16
C ASP A 80 -8.10 -1.69 -1.76
N ILE A 81 -8.62 -0.49 -1.96
CA ILE A 81 -7.93 0.79 -1.76
C ILE A 81 -8.62 1.48 -0.59
N GLU A 82 -8.16 1.23 0.65
CA GLU A 82 -8.97 1.75 1.76
C GLU A 82 -8.90 3.26 1.89
N GLU A 83 -7.93 3.92 1.24
CA GLU A 83 -7.93 5.38 1.22
C GLU A 83 -9.15 5.95 0.51
N ALA A 84 -9.80 5.17 -0.35
CA ALA A 84 -10.97 5.64 -1.06
C ALA A 84 -12.24 4.90 -0.67
N GLN A 85 -12.16 4.01 0.34
CA GLN A 85 -13.28 3.16 0.73
C GLN A 85 -13.88 2.39 -0.45
N ARG A 86 -13.02 1.95 -1.38
CA ARG A 86 -13.42 1.22 -2.60
C ARG A 86 -12.78 -0.16 -2.60
N SER A 87 -13.58 -1.19 -2.95
CA SER A 87 -13.11 -2.57 -3.15
C SER A 87 -13.65 -3.07 -4.48
N TYR A 88 -12.79 -3.72 -5.30
CA TYR A 88 -13.22 -4.35 -6.55
C TYR A 88 -12.68 -5.76 -6.67
N ILE A 89 -13.38 -6.64 -7.40
CA ILE A 89 -12.79 -7.89 -7.88
C ILE A 89 -12.58 -7.80 -9.40
N LEU A 90 -11.33 -7.92 -9.85
CA LEU A 90 -11.01 -7.95 -11.28
C LEU A 90 -10.75 -9.39 -11.70
N THR A 91 -11.37 -9.84 -12.81
CA THR A 91 -11.35 -11.25 -13.21
C THR A 91 -11.36 -11.40 -14.74
N GLN A 92 -10.94 -12.58 -15.22
CA GLN A 92 -11.01 -12.89 -16.65
C GLN A 92 -12.46 -13.14 -17.07
N GLY A 93 -12.74 -13.05 -18.38
CA GLY A 93 -14.01 -13.54 -18.92
C GLY A 93 -14.11 -15.07 -18.77
N PRO A 94 -15.12 -15.59 -18.05
CA PRO A 94 -15.10 -17.05 -17.72
C PRO A 94 -15.16 -17.96 -18.95
N LEU A 95 -14.50 -19.12 -18.83
CA LEU A 95 -14.53 -20.22 -19.80
C LEU A 95 -15.82 -21.05 -19.63
N PRO A 96 -16.20 -21.91 -20.61
CA PRO A 96 -17.40 -22.75 -20.42
C PRO A 96 -17.38 -23.54 -19.12
N ASN A 97 -16.21 -24.02 -18.68
CA ASN A 97 -16.08 -24.83 -17.47
C ASN A 97 -15.80 -24.03 -16.20
N THR A 98 -15.58 -22.71 -16.28
CA THR A 98 -15.49 -21.90 -15.06
C THR A 98 -16.68 -20.93 -14.83
N CYS A 99 -17.72 -20.90 -15.68
CA CYS A 99 -18.93 -20.12 -15.38
C CYS A 99 -19.54 -20.49 -14.01
N CYS A 100 -19.51 -21.77 -13.65
CA CYS A 100 -20.09 -22.18 -12.37
C CYS A 100 -19.32 -21.58 -11.18
N HIS A 101 -17.98 -21.50 -11.29
CA HIS A 101 -17.15 -20.91 -10.24
C HIS A 101 -17.38 -19.40 -10.14
N PHE A 102 -17.60 -18.75 -11.29
CA PHE A 102 -17.81 -17.30 -11.33
C PHE A 102 -19.09 -16.90 -10.55
N TRP A 103 -20.18 -17.67 -10.71
CA TRP A 103 -21.39 -17.33 -9.97
C TRP A 103 -21.29 -17.71 -8.48
N LEU A 104 -20.54 -18.79 -8.14
CA LEU A 104 -20.29 -19.09 -6.71
C LEU A 104 -19.56 -17.93 -6.01
N MET A 105 -18.56 -17.38 -6.68
CA MET A 105 -17.86 -16.19 -6.17
C MET A 105 -18.82 -14.99 -5.96
N VAL A 106 -19.59 -14.62 -7.00
CA VAL A 106 -20.56 -13.52 -6.88
C VAL A 106 -21.44 -13.67 -5.61
N TRP A 107 -21.94 -14.90 -5.36
CA TRP A 107 -22.79 -15.16 -4.19
C TRP A 107 -22.03 -15.03 -2.85
N GLN A 108 -20.88 -15.70 -2.73
CA GLN A 108 -20.12 -15.74 -1.47
C GLN A 108 -19.57 -14.38 -1.07
N GLN A 109 -19.21 -13.55 -2.04
CA GLN A 109 -18.68 -12.21 -1.76
C GLN A 109 -19.77 -11.14 -1.60
N LYS A 110 -21.06 -11.46 -1.77
CA LYS A 110 -22.17 -10.51 -1.57
C LYS A 110 -22.13 -9.33 -2.56
N THR A 111 -21.67 -9.61 -3.79
CA THR A 111 -21.69 -8.66 -4.91
C THR A 111 -23.11 -8.27 -5.32
N LYS A 112 -23.29 -6.97 -5.63
CA LYS A 112 -24.54 -6.47 -6.23
C LYS A 112 -24.46 -6.21 -7.77
N ALA A 113 -23.30 -5.84 -8.32
CA ALA A 113 -23.19 -5.57 -9.77
C ALA A 113 -21.98 -6.26 -10.43
N VAL A 114 -22.19 -6.64 -11.71
CA VAL A 114 -21.15 -7.11 -12.64
C VAL A 114 -20.99 -6.06 -13.75
N VAL A 115 -19.76 -5.60 -13.98
CA VAL A 115 -19.43 -4.61 -15.02
C VAL A 115 -18.64 -5.35 -16.10
N MET A 116 -19.19 -5.43 -17.33
CA MET A 116 -18.58 -6.16 -18.42
C MET A 116 -18.23 -5.20 -19.57
N LEU A 117 -16.96 -5.22 -20.00
CA LEU A 117 -16.39 -4.21 -20.90
C LEU A 117 -15.93 -4.75 -22.28
N ASN A 118 -16.30 -6.00 -22.63
CA ASN A 118 -15.92 -6.66 -23.88
C ASN A 118 -17.18 -7.19 -24.57
N ARG A 119 -17.02 -7.58 -25.83
CA ARG A 119 -18.00 -8.41 -26.55
C ARG A 119 -17.62 -9.90 -26.47
N ILE A 120 -18.63 -10.77 -26.72
CA ILE A 120 -18.39 -12.22 -26.71
C ILE A 120 -17.42 -12.62 -27.83
N VAL A 121 -17.55 -12.02 -29.01
CA VAL A 121 -16.66 -12.25 -30.16
C VAL A 121 -16.01 -10.93 -30.54
N GLU A 122 -14.65 -10.93 -30.68
CA GLU A 122 -13.88 -9.74 -31.15
C GLU A 122 -12.82 -10.16 -32.17
N LYS A 123 -12.85 -9.53 -33.35
CA LYS A 123 -11.92 -9.87 -34.45
C LYS A 123 -11.93 -11.36 -34.79
N GLU A 124 -13.13 -11.95 -34.87
CA GLU A 124 -13.30 -13.38 -35.18
C GLU A 124 -12.67 -14.33 -34.15
N SER A 125 -12.62 -13.97 -32.87
CA SER A 125 -12.14 -14.89 -31.84
C SER A 125 -13.04 -14.78 -30.61
N VAL A 126 -13.33 -15.92 -29.94
CA VAL A 126 -14.19 -15.91 -28.74
C VAL A 126 -13.37 -15.39 -27.56
N LYS A 127 -13.91 -14.40 -26.83
CA LYS A 127 -13.20 -13.72 -25.76
C LYS A 127 -13.73 -14.04 -24.36
N CYS A 128 -14.93 -14.61 -24.26
CA CYS A 128 -15.69 -14.82 -23.01
C CYS A 128 -16.85 -15.77 -23.34
N ALA A 129 -17.24 -16.62 -22.38
CA ALA A 129 -18.38 -17.51 -22.65
C ALA A 129 -19.73 -16.81 -22.39
N GLN A 130 -20.82 -17.37 -22.95
CA GLN A 130 -22.17 -16.81 -22.72
C GLN A 130 -22.67 -17.28 -21.33
N TYR A 131 -22.43 -16.47 -20.29
CA TYR A 131 -22.65 -16.89 -18.90
C TYR A 131 -23.98 -16.39 -18.30
N TRP A 132 -24.83 -15.72 -19.09
CA TRP A 132 -26.18 -15.31 -18.70
C TRP A 132 -27.14 -15.60 -19.85
N PRO A 133 -28.45 -15.83 -19.57
CA PRO A 133 -29.39 -16.16 -20.65
C PRO A 133 -29.89 -14.92 -21.39
N THR A 134 -30.06 -15.07 -22.72
CA THR A 134 -30.57 -13.98 -23.55
C THR A 134 -32.09 -13.99 -23.77
N ASP A 135 -32.81 -15.09 -23.47
CA ASP A 135 -34.28 -15.21 -23.62
C ASP A 135 -34.93 -15.59 -22.27
N ASP A 136 -36.12 -16.24 -22.26
CA ASP A 136 -36.80 -16.54 -20.99
C ASP A 136 -36.48 -17.93 -20.38
N GLN A 137 -35.46 -18.65 -20.87
CA GLN A 137 -35.08 -19.99 -20.36
C GLN A 137 -34.11 -19.87 -19.16
N GLU A 138 -34.32 -20.67 -18.11
CA GLU A 138 -33.40 -20.64 -16.98
C GLU A 138 -32.08 -21.32 -17.34
N MET A 139 -30.95 -20.74 -16.89
CA MET A 139 -29.65 -21.30 -17.27
C MET A 139 -29.00 -21.91 -16.02
N LEU A 140 -28.74 -23.23 -16.05
CA LEU A 140 -28.35 -24.02 -14.87
C LEU A 140 -26.85 -24.30 -14.81
N PHE A 141 -26.25 -24.09 -13.62
CA PHE A 141 -24.83 -24.34 -13.36
C PHE A 141 -24.73 -25.47 -12.31
N LYS A 142 -24.71 -26.72 -12.78
CA LYS A 142 -24.95 -27.81 -11.85
C LYS A 142 -23.77 -28.11 -10.94
N GLU A 143 -22.54 -27.71 -11.30
CA GLU A 143 -21.37 -28.06 -10.45
C GLU A 143 -21.41 -27.35 -9.09
N THR A 144 -21.92 -26.11 -9.04
CA THR A 144 -21.91 -25.34 -7.80
C THR A 144 -23.32 -25.04 -7.25
N GLY A 145 -24.38 -25.40 -7.99
CA GLY A 145 -25.76 -25.27 -7.51
C GLY A 145 -26.38 -23.88 -7.63
N PHE A 146 -26.21 -23.23 -8.80
CA PHE A 146 -26.87 -21.97 -9.10
C PHE A 146 -27.69 -22.02 -10.39
N SER A 147 -28.72 -21.14 -10.47
CA SER A 147 -29.52 -20.97 -11.69
C SER A 147 -29.70 -19.48 -11.94
N VAL A 148 -29.76 -19.07 -13.23
CA VAL A 148 -29.85 -17.64 -13.59
C VAL A 148 -31.01 -17.40 -14.58
N LYS A 149 -31.78 -16.30 -14.38
CA LYS A 149 -32.96 -15.92 -15.15
C LYS A 149 -32.92 -14.42 -15.53
N LEU A 150 -33.23 -14.10 -16.80
CA LEU A 150 -33.27 -12.72 -17.27
C LEU A 150 -34.59 -12.06 -16.83
N LEU A 151 -34.52 -10.89 -16.13
CA LEU A 151 -35.71 -10.15 -15.68
C LEU A 151 -36.07 -8.95 -16.56
N SER A 152 -35.08 -8.29 -17.16
CA SER A 152 -35.31 -6.99 -17.80
C SER A 152 -34.10 -6.65 -18.70
N GLU A 153 -34.35 -5.90 -19.79
CA GLU A 153 -33.28 -5.47 -20.71
C GLU A 153 -33.54 -4.04 -21.20
N ASP A 154 -32.53 -3.16 -21.13
CA ASP A 154 -32.64 -1.75 -21.57
C ASP A 154 -31.45 -1.42 -22.47
N VAL A 155 -31.69 -1.24 -23.77
CA VAL A 155 -30.64 -1.18 -24.79
C VAL A 155 -30.48 0.29 -25.23
N LYS A 156 -29.26 0.82 -25.12
CA LYS A 156 -28.91 2.15 -25.64
C LYS A 156 -27.85 2.01 -26.73
N SER A 157 -27.39 3.16 -27.23
CA SER A 157 -26.49 3.19 -28.39
C SER A 157 -25.14 2.51 -28.13
N TYR A 158 -24.57 2.69 -26.94
CA TYR A 158 -23.21 2.21 -26.67
C TYR A 158 -23.08 1.34 -25.41
N TYR A 159 -24.20 1.01 -24.75
CA TYR A 159 -24.18 0.11 -23.60
C TYR A 159 -25.60 -0.41 -23.35
N THR A 160 -25.69 -1.54 -22.62
CA THR A 160 -26.96 -2.19 -22.28
C THR A 160 -26.95 -2.57 -20.80
N VAL A 161 -28.11 -2.50 -20.12
CA VAL A 161 -28.24 -2.95 -18.72
C VAL A 161 -29.20 -4.14 -18.66
N HIS A 162 -28.74 -5.29 -18.13
CA HIS A 162 -29.63 -6.43 -17.82
C HIS A 162 -29.84 -6.54 -16.31
N LEU A 163 -31.08 -6.80 -15.88
CA LEU A 163 -31.32 -7.22 -14.50
C LEU A 163 -31.49 -8.75 -14.51
N LEU A 164 -30.77 -9.45 -13.62
CA LEU A 164 -30.73 -10.91 -13.56
C LEU A 164 -31.19 -11.44 -12.20
N GLN A 165 -31.91 -12.57 -12.16
CA GLN A 165 -32.21 -13.25 -10.91
C GLN A 165 -31.21 -14.39 -10.74
N LEU A 166 -30.43 -14.37 -9.63
CA LEU A 166 -29.44 -15.40 -9.28
C LEU A 166 -29.99 -16.21 -8.11
N GLU A 167 -30.24 -17.53 -8.34
CA GLU A 167 -30.84 -18.45 -7.36
C GLU A 167 -29.80 -19.42 -6.81
N ASN A 168 -29.64 -19.45 -5.47
CA ASN A 168 -28.81 -20.44 -4.78
C ASN A 168 -29.73 -21.62 -4.46
N ILE A 169 -29.60 -22.68 -5.24
CA ILE A 169 -30.45 -23.86 -5.08
C ILE A 169 -30.19 -24.52 -3.73
N ASN A 170 -28.95 -24.51 -3.24
CA ASN A 170 -28.66 -25.19 -1.97
C ASN A 170 -29.24 -24.48 -0.74
N SER A 171 -29.33 -23.14 -0.75
CA SER A 171 -29.80 -22.39 0.40
C SER A 171 -31.26 -21.93 0.32
N GLY A 172 -31.94 -22.11 -0.82
CA GLY A 172 -33.25 -21.52 -1.02
C GLY A 172 -33.35 -20.00 -0.90
N GLU A 173 -32.42 -19.28 -1.53
CA GLU A 173 -32.47 -17.81 -1.58
C GLU A 173 -32.26 -17.36 -3.04
N THR A 174 -32.74 -16.13 -3.37
CA THR A 174 -32.40 -15.42 -4.62
C THR A 174 -32.01 -13.97 -4.34
N ARG A 175 -31.21 -13.37 -5.27
CA ARG A 175 -30.79 -11.97 -5.24
C ARG A 175 -30.94 -11.38 -6.65
N THR A 176 -31.24 -10.07 -6.74
CA THR A 176 -31.23 -9.36 -8.03
C THR A 176 -29.85 -8.77 -8.31
N ILE A 177 -29.24 -9.14 -9.45
CA ILE A 177 -27.89 -8.68 -9.85
C ILE A 177 -28.02 -7.69 -11.02
N SER A 178 -27.36 -6.52 -10.92
CA SER A 178 -27.32 -5.59 -12.06
C SER A 178 -26.12 -5.90 -12.97
N HIS A 179 -26.37 -6.10 -14.27
CA HIS A 179 -25.33 -6.44 -15.28
C HIS A 179 -25.16 -5.26 -16.25
N PHE A 180 -24.07 -4.50 -16.08
CA PHE A 180 -23.78 -3.27 -16.88
C PHE A 180 -22.79 -3.64 -18.00
N HIS A 181 -23.25 -3.60 -19.27
CA HIS A 181 -22.48 -4.10 -20.42
C HIS A 181 -22.12 -2.98 -21.38
N TYR A 182 -20.83 -2.61 -21.42
CA TYR A 182 -20.36 -1.60 -22.38
C TYR A 182 -20.03 -2.34 -23.68
N THR A 183 -20.78 -2.04 -24.75
CA THR A 183 -20.72 -2.83 -25.98
C THR A 183 -19.83 -2.24 -27.08
N THR A 184 -19.14 -1.10 -26.87
CA THR A 184 -18.37 -0.48 -27.96
C THR A 184 -16.95 -0.06 -27.55
N TRP A 185 -16.23 -0.89 -26.79
CA TRP A 185 -14.84 -0.64 -26.37
C TRP A 185 -13.97 -1.76 -26.94
N PRO A 186 -13.14 -1.51 -27.98
CA PRO A 186 -12.37 -2.61 -28.61
C PRO A 186 -11.18 -3.09 -27.79
N ASP A 187 -10.83 -4.37 -28.01
CA ASP A 187 -9.68 -5.02 -27.39
C ASP A 187 -8.41 -4.21 -27.71
N PHE A 188 -7.60 -3.94 -26.68
CA PHE A 188 -6.42 -3.07 -26.77
C PHE A 188 -6.76 -1.66 -27.33
N GLY A 189 -8.04 -1.25 -27.25
CA GLY A 189 -8.52 0.05 -27.74
C GLY A 189 -9.02 1.02 -26.67
N VAL A 190 -9.78 2.07 -27.04
CA VAL A 190 -10.35 3.07 -26.12
C VAL A 190 -11.82 3.30 -26.43
N PRO A 191 -12.60 3.78 -25.45
CA PRO A 191 -14.01 4.09 -25.71
C PRO A 191 -14.17 5.24 -26.72
N GLU A 192 -15.43 5.44 -27.13
CA GLU A 192 -15.78 6.44 -28.15
C GLU A 192 -15.41 7.86 -27.74
N SER A 193 -15.68 8.22 -26.49
CA SER A 193 -15.39 9.58 -26.05
C SER A 193 -15.29 9.57 -24.53
N PRO A 194 -14.62 10.57 -23.95
CA PRO A 194 -14.73 10.75 -22.49
C PRO A 194 -16.18 10.85 -22.04
N ALA A 195 -17.04 11.56 -22.79
CA ALA A 195 -18.43 11.75 -22.35
C ALA A 195 -19.20 10.43 -22.30
N SER A 196 -18.98 9.58 -23.31
CA SER A 196 -19.56 8.25 -23.38
C SER A 196 -19.17 7.37 -22.19
N PHE A 197 -17.87 7.25 -21.92
CA PHE A 197 -17.42 6.47 -20.77
C PHE A 197 -17.98 7.01 -19.45
N LEU A 198 -18.02 8.35 -19.29
CA LEU A 198 -18.41 8.93 -18.01
C LEU A 198 -19.92 8.79 -17.75
N ASN A 199 -20.76 8.88 -18.79
CA ASN A 199 -22.18 8.62 -18.61
C ASN A 199 -22.43 7.22 -18.04
N PHE A 200 -21.65 6.24 -18.54
CA PHE A 200 -21.72 4.85 -18.10
C PHE A 200 -21.28 4.70 -16.64
N LEU A 201 -20.14 5.29 -16.28
CA LEU A 201 -19.67 5.18 -14.88
C LEU A 201 -20.69 5.80 -13.92
N PHE A 202 -21.31 6.93 -14.30
CA PHE A 202 -22.30 7.57 -13.42
C PHE A 202 -23.55 6.70 -13.23
N LYS A 203 -23.96 5.93 -14.26
CA LYS A 203 -25.05 4.97 -14.07
C LYS A 203 -24.67 3.87 -13.07
N VAL A 204 -23.46 3.31 -13.17
CA VAL A 204 -23.00 2.30 -12.21
C VAL A 204 -23.03 2.87 -10.80
N ARG A 205 -22.50 4.10 -10.61
CA ARG A 205 -22.44 4.69 -9.28
C ARG A 205 -23.85 4.95 -8.72
N GLU A 206 -24.77 5.45 -9.57
CA GLU A 206 -26.11 5.82 -9.11
C GLU A 206 -26.88 4.63 -8.56
N SER A 207 -26.54 3.42 -8.98
CA SER A 207 -27.26 2.25 -8.47
C SER A 207 -26.88 1.88 -7.04
N GLY A 208 -25.82 2.47 -6.48
CA GLY A 208 -25.35 2.14 -5.15
C GLY A 208 -24.41 0.96 -5.07
N SER A 209 -24.06 0.35 -6.21
CA SER A 209 -23.36 -0.94 -6.22
C SER A 209 -21.89 -0.83 -5.79
N LEU A 210 -21.30 0.37 -5.78
CA LEU A 210 -19.90 0.54 -5.41
C LEU A 210 -19.72 1.00 -3.95
N ASN A 211 -20.82 1.20 -3.23
CA ASN A 211 -20.83 1.78 -1.89
C ASN A 211 -20.37 0.75 -0.86
N PRO A 212 -19.76 1.19 0.24
CA PRO A 212 -19.21 0.22 1.21
C PRO A 212 -20.23 -0.66 1.91
N ASP A 213 -21.53 -0.47 1.71
CA ASP A 213 -22.50 -1.38 2.33
C ASP A 213 -22.78 -2.63 1.50
N HIS A 214 -22.25 -2.74 0.29
CA HIS A 214 -22.35 -3.98 -0.49
C HIS A 214 -20.96 -4.64 -0.55
N GLY A 215 -20.94 -5.91 -1.00
CA GLY A 215 -19.69 -6.57 -1.29
C GLY A 215 -19.03 -5.92 -2.50
N PRO A 216 -17.79 -6.29 -2.82
CA PRO A 216 -17.12 -5.69 -4.00
C PRO A 216 -17.81 -6.01 -5.33
N ALA A 217 -17.89 -5.00 -6.21
CA ALA A 217 -18.34 -5.23 -7.57
C ALA A 217 -17.33 -6.06 -8.37
N VAL A 218 -17.83 -6.89 -9.29
CA VAL A 218 -17.02 -7.74 -10.17
C VAL A 218 -16.86 -7.01 -11.50
N ILE A 219 -15.61 -6.63 -11.83
CA ILE A 219 -15.25 -5.97 -13.11
C ILE A 219 -14.52 -6.97 -13.99
N HIS A 220 -14.93 -7.11 -15.27
CA HIS A 220 -14.19 -7.99 -16.18
C HIS A 220 -14.23 -7.51 -17.64
N CYS A 221 -13.25 -7.99 -18.43
CA CYS A 221 -13.11 -7.86 -19.88
C CYS A 221 -12.67 -9.26 -20.37
N SER A 222 -11.76 -9.38 -21.35
CA SER A 222 -11.30 -10.74 -21.71
C SER A 222 -10.22 -11.27 -20.75
N ALA A 223 -9.13 -10.53 -20.55
CA ALA A 223 -8.12 -10.96 -19.59
C ALA A 223 -8.29 -10.35 -18.19
N GLY A 224 -9.12 -9.32 -18.04
CA GLY A 224 -9.26 -8.70 -16.73
C GLY A 224 -8.20 -7.69 -16.33
N ILE A 225 -7.45 -7.12 -17.28
CA ILE A 225 -6.38 -6.15 -16.97
C ILE A 225 -6.34 -4.83 -17.77
N GLY A 226 -6.54 -4.88 -19.09
CA GLY A 226 -6.47 -3.66 -19.91
C GLY A 226 -7.65 -2.70 -19.78
N ARG A 227 -8.84 -3.13 -20.26
CA ARG A 227 -10.06 -2.34 -20.10
C ARG A 227 -10.52 -2.32 -18.63
N SER A 228 -10.44 -3.45 -17.91
CA SER A 228 -10.87 -3.45 -16.50
C SER A 228 -10.00 -2.50 -15.66
N GLY A 229 -8.69 -2.49 -15.93
CA GLY A 229 -7.79 -1.59 -15.19
C GLY A 229 -8.06 -0.12 -15.47
N THR A 230 -8.42 0.22 -16.71
CA THR A 230 -8.75 1.61 -17.05
C THR A 230 -9.95 2.09 -16.26
N PHE A 231 -11.04 1.29 -16.24
CA PHE A 231 -12.26 1.65 -15.52
C PHE A 231 -11.99 1.89 -14.03
N SER A 232 -11.23 0.98 -13.38
CA SER A 232 -10.99 1.05 -11.94
C SER A 232 -10.07 2.23 -11.57
N LEU A 233 -9.04 2.48 -12.38
CA LEU A 233 -8.15 3.61 -12.10
C LEU A 233 -8.91 4.94 -12.14
N VAL A 234 -9.77 5.12 -13.16
CA VAL A 234 -10.52 6.39 -13.30
C VAL A 234 -11.47 6.58 -12.12
N ASP A 235 -12.21 5.53 -11.74
CA ASP A 235 -13.15 5.63 -10.62
C ASP A 235 -12.41 5.93 -9.31
N THR A 236 -11.33 5.18 -9.01
CA THR A 236 -10.60 5.40 -7.75
C THR A 236 -10.06 6.84 -7.66
N CYS A 237 -9.45 7.34 -8.75
CA CYS A 237 -8.84 8.66 -8.75
C CYS A 237 -9.89 9.75 -8.54
N LEU A 238 -11.09 9.59 -9.10
CA LEU A 238 -12.16 10.58 -8.90
C LEU A 238 -12.64 10.62 -7.45
N VAL A 239 -12.71 9.46 -6.77
CA VAL A 239 -13.09 9.43 -5.36
C VAL A 239 -12.05 10.18 -4.50
N LEU A 240 -10.76 9.94 -4.77
CA LEU A 240 -9.70 10.58 -3.98
C LEU A 240 -9.71 12.11 -4.15
N MET A 241 -9.89 12.62 -5.36
CA MET A 241 -9.98 14.07 -5.51
C MET A 241 -11.23 14.63 -4.84
N GLU A 242 -12.34 13.89 -4.87
CA GLU A 242 -13.57 14.36 -4.22
C GLU A 242 -13.34 14.55 -2.73
N LYS A 243 -12.56 13.67 -2.12
CA LYS A 243 -12.32 13.84 -0.70
C LYS A 243 -11.21 14.85 -0.40
N GLY A 244 -10.53 15.39 -1.41
CA GLY A 244 -9.58 16.47 -1.22
C GLY A 244 -8.09 16.12 -1.35
N ASP A 245 -7.72 14.85 -1.60
CA ASP A 245 -6.31 14.46 -1.74
C ASP A 245 -5.69 15.08 -3.00
N ASP A 246 -4.43 15.51 -2.89
CA ASP A 246 -3.63 15.96 -4.04
C ASP A 246 -2.91 14.75 -4.65
N ILE A 247 -3.38 14.27 -5.81
CA ILE A 247 -3.01 12.93 -6.30
C ILE A 247 -1.99 13.00 -7.42
N ASN A 248 -1.21 11.91 -7.54
CA ASN A 248 -0.23 11.65 -8.60
C ASN A 248 -0.64 10.36 -9.29
N ILE A 249 -1.08 10.45 -10.55
CA ILE A 249 -1.72 9.33 -11.25
C ILE A 249 -0.76 8.15 -11.42
N LYS A 250 0.51 8.45 -11.79
CA LYS A 250 1.51 7.39 -11.86
C LYS A 250 1.62 6.61 -10.55
N GLN A 251 1.59 7.31 -9.41
CA GLN A 251 1.72 6.67 -8.10
C GLN A 251 0.51 5.79 -7.77
N VAL A 252 -0.69 6.27 -8.08
CA VAL A 252 -1.90 5.50 -7.80
C VAL A 252 -1.92 4.21 -8.65
N LEU A 253 -1.56 4.31 -9.94
CA LEU A 253 -1.56 3.11 -10.80
C LEU A 253 -0.55 2.05 -10.35
N LEU A 254 0.66 2.48 -9.95
CA LEU A 254 1.68 1.53 -9.46
C LEU A 254 1.20 0.81 -8.21
N ASN A 255 0.50 1.52 -7.33
CA ASN A 255 -0.05 0.92 -6.13
C ASN A 255 -1.15 -0.09 -6.45
N MET A 256 -2.03 0.23 -7.42
CA MET A 256 -3.07 -0.74 -7.81
C MET A 256 -2.49 -1.99 -8.49
N ARG A 257 -1.38 -1.84 -9.23
CA ARG A 257 -0.68 -2.99 -9.82
C ARG A 257 -0.06 -3.92 -8.79
N LYS A 258 0.04 -3.51 -7.51
CA LYS A 258 0.47 -4.48 -6.49
C LYS A 258 -0.60 -5.55 -6.19
N TYR A 259 -1.86 -5.32 -6.57
CA TYR A 259 -2.98 -6.24 -6.36
C TYR A 259 -3.26 -7.16 -7.54
N ARG A 260 -3.03 -6.71 -8.80
CA ARG A 260 -3.18 -7.54 -10.01
C ARG A 260 -2.25 -7.04 -11.12
N MET A 261 -1.60 -7.98 -11.85
CA MET A 261 -0.53 -7.60 -12.80
C MET A 261 -1.10 -6.90 -14.03
N GLY A 262 -0.38 -5.91 -14.56
CA GLY A 262 -0.59 -5.43 -15.94
C GLY A 262 -1.72 -4.44 -16.18
N LEU A 263 -2.30 -3.85 -15.13
CA LEU A 263 -3.46 -2.98 -15.35
C LEU A 263 -3.06 -1.83 -16.26
N ILE A 264 -3.86 -1.62 -17.32
CA ILE A 264 -3.65 -0.68 -18.43
C ILE A 264 -2.53 -1.19 -19.34
N GLN A 265 -2.88 -1.48 -20.60
CA GLN A 265 -2.08 -2.27 -21.53
C GLN A 265 -1.49 -1.49 -22.70
N THR A 266 -1.85 -0.21 -22.90
CA THR A 266 -1.25 0.57 -24.00
C THR A 266 -1.05 2.02 -23.58
N PRO A 267 -0.09 2.72 -24.21
CA PRO A 267 0.04 4.18 -23.99
C PRO A 267 -1.24 4.96 -24.26
N ASP A 268 -2.02 4.60 -25.28
CA ASP A 268 -3.28 5.34 -25.53
C ASP A 268 -4.32 5.07 -24.43
N GLN A 269 -4.36 3.86 -23.84
CA GLN A 269 -5.23 3.65 -22.69
C GLN A 269 -4.85 4.54 -21.49
N LEU A 270 -3.54 4.77 -21.29
CA LEU A 270 -3.10 5.68 -20.23
C LEU A 270 -3.52 7.13 -20.51
N ARG A 271 -3.35 7.59 -21.76
CA ARG A 271 -3.77 8.95 -22.13
C ARG A 271 -5.29 9.15 -21.96
N PHE A 272 -6.10 8.15 -22.35
CA PHE A 272 -7.55 8.26 -22.19
C PHE A 272 -7.93 8.41 -20.71
N SER A 273 -7.25 7.66 -19.81
CA SER A 273 -7.48 7.79 -18.37
C SER A 273 -7.33 9.24 -17.87
N TYR A 274 -6.24 9.92 -18.27
CA TYR A 274 -6.03 11.31 -17.85
C TYR A 274 -7.19 12.20 -18.31
N MET A 275 -7.63 12.06 -19.56
CA MET A 275 -8.75 12.83 -20.12
C MET A 275 -10.05 12.59 -19.37
N ALA A 276 -10.37 11.32 -19.07
CA ALA A 276 -11.61 11.05 -18.34
C ALA A 276 -11.55 11.55 -16.90
N ILE A 277 -10.38 11.52 -16.24
CA ILE A 277 -10.29 12.02 -14.88
C ILE A 277 -10.48 13.55 -14.83
N ILE A 278 -9.87 14.28 -15.80
CA ILE A 278 -10.02 15.75 -15.87
C ILE A 278 -11.47 16.13 -16.16
N GLU A 279 -12.08 15.51 -17.18
CA GLU A 279 -13.44 15.89 -17.54
C GLU A 279 -14.44 15.49 -16.45
N GLY A 280 -14.21 14.34 -15.80
CA GLY A 280 -15.08 13.92 -14.71
C GLY A 280 -15.00 14.82 -13.49
N ALA A 281 -13.78 15.30 -13.17
CA ALA A 281 -13.62 16.15 -12.00
C ALA A 281 -14.47 17.41 -12.13
N LYS A 282 -14.66 17.91 -13.34
CA LYS A 282 -15.48 19.10 -13.59
C LYS A 282 -16.97 18.84 -13.36
N CYS A 283 -17.39 17.57 -13.28
CA CYS A 283 -18.80 17.24 -13.05
C CYS A 283 -19.16 17.09 -11.59
N ILE A 284 -18.19 16.79 -10.72
CA ILE A 284 -18.49 16.55 -9.33
C ILE A 284 -19.20 17.76 -8.74
N LYS A 285 -20.19 17.49 -7.88
CA LYS A 285 -20.92 18.50 -7.13
C LYS A 285 -20.48 18.46 -5.67
N GLY A 286 -20.56 19.61 -5.01
CA GLY A 286 -20.21 19.72 -3.62
C GLY A 286 -20.76 20.99 -2.99
N ASP A 287 -20.30 21.27 -1.76
CA ASP A 287 -20.72 22.46 -1.02
C ASP A 287 -19.79 23.67 -1.17
N SER A 288 -18.61 23.53 -1.77
CA SER A 288 -17.64 24.63 -1.82
C SER A 288 -18.03 25.68 -2.87
N SER A 289 -18.14 26.95 -2.44
CA SER A 289 -18.44 28.03 -3.39
C SER A 289 -17.31 28.26 -4.39
N ILE A 290 -16.06 28.09 -3.95
CA ILE A 290 -14.91 28.28 -4.83
C ILE A 290 -14.93 27.22 -5.93
N GLN A 291 -15.16 25.96 -5.55
CA GLN A 291 -15.21 24.86 -6.51
C GLN A 291 -16.32 25.05 -7.53
N LYS A 292 -17.49 25.55 -7.10
CA LYS A 292 -18.59 25.72 -8.05
C LYS A 292 -18.26 26.81 -9.10
N ARG A 293 -17.55 27.87 -8.71
CA ARG A 293 -17.15 28.89 -9.69
C ARG A 293 -16.17 28.32 -10.72
N TRP A 294 -15.16 27.55 -10.28
CA TRP A 294 -14.25 26.90 -11.24
C TRP A 294 -15.02 26.08 -12.27
N LYS A 295 -16.03 25.33 -11.83
CA LYS A 295 -16.80 24.49 -12.75
C LYS A 295 -17.51 25.33 -13.80
N GLU A 296 -18.16 26.41 -13.38
CA GLU A 296 -18.91 27.25 -14.32
C GLU A 296 -17.98 27.87 -15.37
N LEU A 297 -16.78 28.30 -14.96
CA LEU A 297 -15.87 28.97 -15.88
C LEU A 297 -15.13 28.02 -16.80
N SER A 298 -15.19 26.70 -16.54
CA SER A 298 -14.47 25.75 -17.37
C SER A 298 -15.37 24.95 -18.30
N LYS A 299 -16.69 25.18 -18.25
CA LYS A 299 -17.65 24.41 -19.03
C LYS A 299 -17.55 24.77 -20.50
N PRO B 6 12.61 20.77 -7.57
CA PRO B 6 12.81 19.43 -7.01
C PRO B 6 12.33 19.35 -5.56
N TRP B 7 12.57 20.44 -4.82
CA TRP B 7 11.98 20.63 -3.50
C TRP B 7 11.02 21.82 -3.47
N GLY B 8 10.70 22.41 -4.63
CA GLY B 8 9.91 23.63 -4.65
C GLY B 8 8.48 23.44 -4.16
N SER B 9 7.87 22.31 -4.50
CA SER B 9 6.51 22.03 -4.04
C SER B 9 6.46 21.89 -2.51
N ILE B 10 7.43 21.19 -1.92
CA ILE B 10 7.46 20.97 -0.47
C ILE B 10 7.78 22.27 0.26
N GLU B 11 8.69 23.08 -0.29
CA GLU B 11 9.02 24.34 0.36
C GLU B 11 7.84 25.34 0.36
N ARG B 12 7.06 25.42 -0.74
CA ARG B 12 5.88 26.28 -0.71
C ARG B 12 4.87 25.81 0.34
N GLU B 13 4.63 24.50 0.43
CA GLU B 13 3.75 23.96 1.45
C GLU B 13 4.24 24.28 2.86
N PHE B 14 5.56 24.18 3.10
CA PHE B 14 6.13 24.49 4.41
C PHE B 14 5.83 25.94 4.81
N GLU B 15 6.06 26.89 3.89
CA GLU B 15 5.90 28.32 4.25
C GLU B 15 4.44 28.65 4.55
N GLU B 16 3.51 28.03 3.81
CA GLU B 16 2.08 28.24 4.04
C GLU B 16 1.66 27.70 5.40
N LEU B 17 2.15 26.50 5.76
CA LEU B 17 1.85 25.92 7.06
C LEU B 17 2.33 26.83 8.21
N ASP B 18 3.54 27.39 8.08
CA ASP B 18 4.04 28.32 9.09
C ASP B 18 3.17 29.57 9.17
N THR B 19 2.92 30.20 8.04
CA THR B 19 2.20 31.49 8.07
C THR B 19 0.79 31.34 8.64
N GLN B 20 0.08 30.28 8.26
CA GLN B 20 -1.27 30.07 8.78
C GLN B 20 -1.30 29.37 10.13
N ARG B 21 -0.15 28.96 10.68
CA ARG B 21 -0.07 28.25 11.97
C ARG B 21 -0.99 27.01 12.01
N ARG B 22 -0.84 26.14 10.99
CA ARG B 22 -1.70 24.98 10.80
C ARG B 22 -1.00 23.63 11.05
N TRP B 23 0.14 23.60 11.74
CA TRP B 23 0.82 22.32 12.00
C TRP B 23 -0.03 21.37 12.89
N GLN B 24 -0.69 21.90 13.93
CA GLN B 24 -1.54 21.04 14.75
C GLN B 24 -2.77 20.52 13.99
N PRO B 25 -3.51 21.34 13.23
CA PRO B 25 -4.59 20.74 12.42
C PRO B 25 -4.12 19.70 11.42
N LEU B 26 -2.96 19.86 10.79
CA LEU B 26 -2.46 18.83 9.87
C LEU B 26 -2.14 17.52 10.59
N TYR B 27 -1.47 17.62 11.75
CA TYR B 27 -1.20 16.42 12.55
C TYR B 27 -2.49 15.73 12.96
N LEU B 28 -3.53 16.50 13.34
CA LEU B 28 -4.83 15.88 13.62
C LEU B 28 -5.41 15.18 12.39
N GLU B 29 -5.20 15.70 11.18
CA GLU B 29 -5.67 14.99 10.01
C GLU B 29 -4.99 13.64 9.87
N ILE B 30 -3.67 13.60 10.09
CA ILE B 30 -2.94 12.34 9.97
C ILE B 30 -3.46 11.31 10.98
N ARG B 31 -3.74 11.75 12.21
CA ARG B 31 -4.27 10.83 13.23
C ARG B 31 -5.65 10.29 12.84
N ASN B 32 -6.50 11.13 12.26
CA ASN B 32 -7.87 10.70 11.96
C ASN B 32 -7.92 9.75 10.74
N GLU B 33 -6.96 9.86 9.82
CA GLU B 33 -6.92 9.04 8.61
C GLU B 33 -6.07 7.76 8.75
N SER B 34 -5.46 7.50 9.91
CA SER B 34 -4.70 6.27 10.14
C SER B 34 -5.66 5.13 10.49
N HIS B 35 -5.60 4.04 9.77
CA HIS B 35 -6.45 2.90 10.13
C HIS B 35 -5.75 2.01 11.15
N ASP B 36 -6.55 1.28 11.93
CA ASP B 36 -6.07 0.30 12.88
C ASP B 36 -6.15 -1.10 12.26
N TYR B 37 -5.31 -2.01 12.75
CA TYR B 37 -5.22 -3.37 12.21
C TYR B 37 -5.04 -4.35 13.37
N PRO B 38 -5.39 -5.62 13.19
CA PRO B 38 -5.34 -6.58 14.31
C PRO B 38 -3.95 -6.70 14.95
N HIS B 39 -3.92 -6.76 16.28
CA HIS B 39 -2.69 -7.06 17.03
C HIS B 39 -2.99 -8.07 18.14
N ARG B 40 -3.56 -9.22 17.77
CA ARG B 40 -3.96 -10.25 18.74
C ARG B 40 -2.76 -10.90 19.44
N VAL B 41 -1.68 -11.22 18.71
CA VAL B 41 -0.59 -11.96 19.35
C VAL B 41 0.03 -11.14 20.47
N ALA B 42 0.17 -9.82 20.29
CA ALA B 42 0.75 -8.99 21.34
C ALA B 42 -0.03 -9.06 22.68
N LYS B 43 -1.35 -9.32 22.62
CA LYS B 43 -2.22 -9.34 23.80
C LYS B 43 -2.44 -10.73 24.42
N PHE B 44 -1.82 -11.80 23.88
CA PHE B 44 -1.85 -13.08 24.58
C PHE B 44 -1.30 -12.92 26.01
N PRO B 45 -1.89 -13.60 27.01
CA PRO B 45 -1.40 -13.50 28.40
C PRO B 45 0.06 -13.88 28.60
N GLU B 46 0.58 -14.82 27.82
CA GLU B 46 1.98 -15.22 27.96
C GLU B 46 2.94 -14.14 27.48
N ASN B 47 2.44 -13.06 26.86
CA ASN B 47 3.31 -12.01 26.35
C ASN B 47 3.22 -10.70 27.12
N ARG B 48 2.54 -10.68 28.27
CA ARG B 48 2.38 -9.42 29.01
C ARG B 48 3.74 -8.87 29.52
N ASN B 49 4.65 -9.75 29.94
CA ASN B 49 5.95 -9.27 30.46
C ASN B 49 6.98 -9.04 29.34
N ARG B 50 6.57 -9.15 28.06
CA ARG B 50 7.43 -8.84 26.90
C ARG B 50 7.15 -7.47 26.26
N ASN B 51 6.12 -6.75 26.74
CA ASN B 51 5.79 -5.40 26.23
C ASN B 51 6.14 -4.32 27.26
N ARG B 52 6.87 -3.29 26.83
CA ARG B 52 7.19 -2.15 27.72
C ARG B 52 5.94 -1.29 28.05
N TYR B 53 5.11 -0.97 27.05
CA TYR B 53 3.92 -0.10 27.17
C TYR B 53 2.66 -0.81 26.65
N ARG B 54 1.55 -0.72 27.41
CA ARG B 54 0.31 -1.42 27.02
C ARG B 54 -0.34 -0.85 25.78
N ASP B 55 -0.08 0.42 25.45
CA ASP B 55 -0.69 1.09 24.30
C ASP B 55 0.16 1.05 23.02
N VAL B 56 1.31 0.36 23.02
CA VAL B 56 2.19 0.31 21.83
C VAL B 56 2.46 -1.16 21.49
N SER B 57 1.84 -1.66 20.41
CA SER B 57 1.90 -3.06 19.99
C SER B 57 2.22 -3.22 18.51
N PRO B 58 2.91 -4.31 18.11
CA PRO B 58 3.07 -4.59 16.68
C PRO B 58 1.82 -5.23 16.07
N TYR B 59 1.50 -4.85 14.82
CA TYR B 59 0.42 -5.50 14.07
C TYR B 59 0.83 -6.93 13.68
N ASP B 60 -0.17 -7.85 13.61
CA ASP B 60 0.13 -9.26 13.32
C ASP B 60 0.74 -9.43 11.92
N HIS B 61 0.26 -8.68 10.93
CA HIS B 61 0.69 -8.92 9.55
C HIS B 61 2.12 -8.47 9.28
N SER B 62 2.73 -7.61 10.11
CA SER B 62 4.12 -7.17 9.90
C SER B 62 5.07 -7.44 11.07
N ARG B 63 4.65 -8.16 12.11
CA ARG B 63 5.53 -8.36 13.27
C ARG B 63 6.70 -9.29 12.91
N VAL B 64 7.87 -9.12 13.59
CA VAL B 64 9.05 -9.96 13.32
C VAL B 64 8.95 -11.20 14.21
N LYS B 65 9.13 -12.40 13.62
CA LYS B 65 9.00 -13.66 14.37
C LYS B 65 10.37 -14.22 14.76
N LEU B 66 10.54 -14.64 16.02
CA LEU B 66 11.74 -15.35 16.45
C LEU B 66 11.65 -16.80 15.96
N GLN B 67 12.71 -17.32 15.33
CA GLN B 67 12.73 -18.66 14.73
C GLN B 67 13.26 -19.70 15.72
N ASN B 68 12.81 -20.96 15.59
CA ASN B 68 13.32 -22.06 16.44
C ASN B 68 13.13 -21.80 17.93
N ALA B 69 12.02 -21.16 18.29
CA ALA B 69 11.76 -20.84 19.68
C ALA B 69 10.34 -21.26 20.04
N GLU B 70 10.18 -21.80 21.25
CA GLU B 70 8.87 -22.16 21.75
C GLU B 70 7.89 -20.97 21.71
N ASN B 71 8.35 -19.76 22.07
CA ASN B 71 7.52 -18.55 22.01
C ASN B 71 8.19 -17.59 21.03
N ASP B 72 7.51 -17.30 19.91
CA ASP B 72 8.13 -16.58 18.79
C ASP B 72 7.96 -15.04 18.88
N TYR B 73 7.45 -14.50 20.00
CA TYR B 73 6.99 -13.10 20.04
C TYR B 73 8.10 -12.13 20.53
N ILE B 74 8.24 -10.99 19.82
CA ILE B 74 9.00 -9.81 20.24
C ILE B 74 8.23 -8.57 19.77
N ASN B 75 8.30 -7.49 20.56
CA ASN B 75 7.64 -6.22 20.20
C ASN B 75 8.53 -5.49 19.18
N ALA B 76 8.35 -5.83 17.90
CA ALA B 76 9.13 -5.33 16.76
C ALA B 76 8.38 -5.57 15.45
N SER B 77 8.57 -4.64 14.48
CA SER B 77 7.84 -4.58 13.22
C SER B 77 8.77 -4.43 12.01
N LEU B 78 8.45 -5.09 10.89
CA LEU B 78 9.21 -4.92 9.62
C LEU B 78 8.54 -3.88 8.73
N VAL B 79 9.24 -2.78 8.44
CA VAL B 79 8.75 -1.69 7.61
C VAL B 79 9.50 -1.79 6.29
N ASP B 80 8.91 -2.38 5.22
CA ASP B 80 9.67 -2.49 3.98
C ASP B 80 8.99 -1.72 2.84
N ILE B 81 9.73 -0.79 2.24
CA ILE B 81 9.22 0.16 1.27
C ILE B 81 9.94 -0.15 -0.04
N GLU B 82 9.39 -1.06 -0.86
CA GLU B 82 10.14 -1.48 -2.05
C GLU B 82 10.28 -0.39 -3.09
N GLU B 83 9.46 0.67 -3.04
CA GLU B 83 9.66 1.80 -3.95
C GLU B 83 11.01 2.49 -3.71
N ALA B 84 11.58 2.36 -2.51
CA ALA B 84 12.87 2.97 -2.18
C ALA B 84 13.99 1.96 -1.97
N GLN B 85 13.72 0.67 -2.12
CA GLN B 85 14.70 -0.37 -1.82
C GLN B 85 15.25 -0.27 -0.41
N ARG B 86 14.38 0.09 0.55
CA ARG B 86 14.74 0.24 1.97
C ARG B 86 13.90 -0.71 2.82
N SER B 87 14.53 -1.33 3.83
CA SER B 87 13.84 -2.10 4.86
C SER B 87 14.42 -1.74 6.22
N TYR B 88 13.54 -1.56 7.23
CA TYR B 88 13.94 -1.35 8.63
C TYR B 88 13.14 -2.27 9.55
N ILE B 89 13.73 -2.59 10.71
CA ILE B 89 12.98 -3.13 11.84
C ILE B 89 12.91 -2.04 12.91
N LEU B 90 11.69 -1.60 13.26
CA LEU B 90 11.48 -0.66 14.37
C LEU B 90 11.01 -1.43 15.61
N THR B 91 11.59 -1.11 16.79
CA THR B 91 11.36 -1.93 18.00
C THR B 91 11.45 -1.05 19.25
N GLN B 92 10.91 -1.54 20.37
CA GLN B 92 11.01 -0.87 21.68
C GLN B 92 12.43 -1.05 22.27
N GLY B 93 12.80 -0.15 23.21
CA GLY B 93 14.00 -0.38 24.02
C GLY B 93 13.79 -1.66 24.85
N PRO B 94 14.71 -2.66 24.77
CA PRO B 94 14.45 -3.95 25.45
C PRO B 94 14.39 -3.85 26.98
N LEU B 95 13.61 -4.75 27.60
CA LEU B 95 13.53 -4.91 29.05
C LEU B 95 14.64 -5.86 29.53
N PRO B 96 14.93 -5.89 30.85
CA PRO B 96 15.98 -6.83 31.33
C PRO B 96 15.77 -8.28 30.87
N ASN B 97 14.51 -8.76 30.82
CA ASN B 97 14.18 -10.13 30.39
C ASN B 97 13.96 -10.32 28.87
N THR B 98 14.04 -9.25 28.05
CA THR B 98 13.97 -9.40 26.59
C THR B 98 15.26 -9.01 25.85
N CYS B 99 16.36 -8.69 26.58
CA CYS B 99 17.65 -8.45 25.90
C CYS B 99 18.14 -9.70 25.16
N CYS B 100 17.89 -10.91 25.71
CA CYS B 100 18.26 -12.14 24.99
C CYS B 100 17.51 -12.28 23.65
N HIS B 101 16.22 -11.92 23.63
CA HIS B 101 15.39 -11.97 22.41
C HIS B 101 15.83 -10.93 21.36
N PHE B 102 16.20 -9.72 21.82
CA PHE B 102 16.66 -8.67 20.90
C PHE B 102 17.94 -9.12 20.13
N TRP B 103 18.91 -9.72 20.82
CA TRP B 103 20.13 -10.17 20.12
C TRP B 103 19.91 -11.42 19.24
N LEU B 104 19.02 -12.35 19.64
CA LEU B 104 18.62 -13.44 18.75
C LEU B 104 18.03 -12.91 17.43
N MET B 105 17.17 -11.89 17.50
CA MET B 105 16.61 -11.28 16.29
C MET B 105 17.71 -10.65 15.41
N VAL B 106 18.62 -9.88 16.01
CA VAL B 106 19.72 -9.29 15.26
C VAL B 106 20.50 -10.39 14.52
N TRP B 107 20.74 -11.53 15.16
CA TRP B 107 21.48 -12.61 14.47
C TRP B 107 20.66 -13.16 13.29
N GLN B 108 19.41 -13.51 13.53
CA GLN B 108 18.61 -14.25 12.53
C GLN B 108 18.26 -13.40 11.32
N GLN B 109 18.14 -12.09 11.50
CA GLN B 109 17.78 -11.20 10.41
C GLN B 109 18.99 -10.68 9.61
N LYS B 110 20.23 -11.11 9.97
CA LYS B 110 21.49 -10.71 9.29
C LYS B 110 21.73 -9.20 9.34
N THR B 111 21.33 -8.58 10.48
CA THR B 111 21.53 -7.16 10.73
C THR B 111 23.01 -6.84 10.93
N LYS B 112 23.41 -5.67 10.42
CA LYS B 112 24.77 -5.15 10.55
C LYS B 112 24.88 -3.88 11.41
N ALA B 113 23.78 -3.12 11.59
CA ALA B 113 23.77 -1.92 12.42
C ALA B 113 22.51 -1.80 13.29
N VAL B 114 22.70 -1.22 14.50
CA VAL B 114 21.65 -0.80 15.43
C VAL B 114 21.72 0.73 15.57
N VAL B 115 20.60 1.44 15.34
CA VAL B 115 20.49 2.89 15.53
C VAL B 115 19.64 3.15 16.79
N MET B 116 20.23 3.81 17.81
CA MET B 116 19.60 4.06 19.10
C MET B 116 19.43 5.57 19.30
N LEU B 117 18.19 6.04 19.52
CA LEU B 117 17.87 7.47 19.55
C LEU B 117 17.47 8.03 20.92
N ASN B 118 17.51 7.23 22.01
CA ASN B 118 17.16 7.63 23.38
C ASN B 118 18.36 7.51 24.33
N ARG B 119 18.26 8.10 25.55
CA ARG B 119 19.18 7.78 26.65
C ARG B 119 18.57 6.71 27.58
N ILE B 120 19.45 6.05 28.37
CA ILE B 120 18.99 5.02 29.32
C ILE B 120 18.02 5.60 30.34
N VAL B 121 18.33 6.78 30.91
CA VAL B 121 17.45 7.47 31.85
C VAL B 121 17.04 8.81 31.25
N GLU B 122 15.72 9.12 31.27
CA GLU B 122 15.19 10.41 30.80
C GLU B 122 14.15 10.94 31.78
N LYS B 123 14.36 12.17 32.26
CA LYS B 123 13.45 12.78 33.23
C LYS B 123 13.24 11.89 34.46
N GLU B 124 14.33 11.33 34.97
CA GLU B 124 14.33 10.46 36.15
C GLU B 124 13.55 9.14 35.97
N SER B 125 13.32 8.64 34.75
CA SER B 125 12.67 7.34 34.53
C SER B 125 13.51 6.48 33.59
N VAL B 126 13.62 5.16 33.87
CA VAL B 126 14.38 4.24 32.99
C VAL B 126 13.57 3.92 31.75
N LYS B 127 14.16 4.13 30.56
CA LYS B 127 13.51 4.01 29.26
C LYS B 127 13.94 2.79 28.44
N CYS B 128 15.03 2.11 28.82
CA CYS B 128 15.68 1.04 28.07
C CYS B 128 16.71 0.38 29.00
N ALA B 129 16.84 -0.96 28.91
CA ALA B 129 17.85 -1.71 29.67
C ALA B 129 19.26 -1.53 29.10
N GLN B 130 20.30 -1.67 29.96
CA GLN B 130 21.70 -1.66 29.49
C GLN B 130 22.02 -2.99 28.78
N TYR B 131 21.85 -3.03 27.44
CA TYR B 131 21.95 -4.30 26.68
C TYR B 131 23.30 -4.51 25.98
N TRP B 132 24.28 -3.63 26.13
CA TRP B 132 25.66 -3.84 25.68
C TRP B 132 26.62 -3.43 26.80
N PRO B 133 27.85 -3.98 26.82
CA PRO B 133 28.81 -3.61 27.90
C PRO B 133 29.50 -2.26 27.66
N THR B 134 29.76 -1.53 28.75
CA THR B 134 30.47 -0.24 28.73
C THR B 134 31.98 -0.35 28.97
N ASP B 135 32.49 -1.51 29.42
CA ASP B 135 33.93 -1.73 29.72
C ASP B 135 34.38 -3.00 28.98
N ASP B 136 35.49 -3.63 29.41
CA ASP B 136 36.06 -4.82 28.75
C ASP B 136 35.48 -6.18 29.24
N GLN B 137 34.46 -6.19 30.10
CA GLN B 137 33.87 -7.46 30.56
C GLN B 137 32.82 -8.00 29.56
N GLU B 138 32.81 -9.30 29.29
CA GLU B 138 31.84 -9.79 28.31
C GLU B 138 30.45 -9.93 28.95
N MET B 139 29.41 -9.57 28.19
CA MET B 139 28.02 -9.65 28.62
C MET B 139 27.38 -10.93 28.07
N LEU B 140 26.82 -11.77 28.93
CA LEU B 140 26.31 -13.09 28.53
C LEU B 140 24.78 -13.16 28.62
N PHE B 141 24.15 -13.73 27.59
CA PHE B 141 22.70 -13.92 27.48
C PHE B 141 22.41 -15.42 27.36
N LYS B 142 22.27 -16.10 28.50
CA LYS B 142 22.27 -17.56 28.47
C LYS B 142 20.96 -18.17 27.98
N GLU B 143 19.82 -17.46 28.08
CA GLU B 143 18.55 -18.03 27.59
C GLU B 143 18.58 -18.31 26.08
N THR B 144 19.25 -17.45 25.28
CA THR B 144 19.28 -17.70 23.83
C THR B 144 20.66 -18.06 23.28
N GLY B 145 21.73 -18.03 24.08
CA GLY B 145 23.03 -18.47 23.61
C GLY B 145 23.91 -17.47 22.88
N PHE B 146 23.97 -16.22 23.37
CA PHE B 146 24.75 -15.17 22.72
C PHE B 146 25.59 -14.44 23.77
N SER B 147 26.69 -13.80 23.30
CA SER B 147 27.63 -13.03 24.11
C SER B 147 27.95 -11.71 23.38
N VAL B 148 28.25 -10.62 24.11
CA VAL B 148 28.55 -9.32 23.47
C VAL B 148 29.79 -8.70 24.14
N LYS B 149 30.74 -8.19 23.31
CA LYS B 149 31.97 -7.55 23.78
C LYS B 149 32.16 -6.19 23.13
N LEU B 150 32.67 -5.20 23.87
CA LEU B 150 33.01 -3.89 23.30
C LEU B 150 34.40 -3.94 22.66
N LEU B 151 34.50 -3.49 21.40
CA LEU B 151 35.75 -3.39 20.63
C LEU B 151 36.29 -1.96 20.52
N SER B 152 35.43 -0.93 20.45
CA SER B 152 35.89 0.44 20.18
C SER B 152 34.79 1.44 20.56
N GLU B 153 35.17 2.69 20.88
CA GLU B 153 34.22 3.75 21.27
C GLU B 153 34.74 5.10 20.80
N ASP B 154 33.94 5.82 20.01
CA ASP B 154 34.29 7.11 19.42
C ASP B 154 33.25 8.16 19.81
N VAL B 155 33.62 9.11 20.69
CA VAL B 155 32.66 10.03 21.34
C VAL B 155 32.70 11.39 20.65
N LYS B 156 31.52 11.91 20.29
CA LYS B 156 31.41 13.27 19.75
C LYS B 156 30.44 14.09 20.60
N SER B 157 30.30 15.37 20.25
CA SER B 157 29.54 16.29 21.10
C SER B 157 28.07 15.89 21.21
N TYR B 158 27.46 15.37 20.15
CA TYR B 158 26.04 15.02 20.23
C TYR B 158 25.69 13.57 19.83
N TYR B 159 26.69 12.70 19.60
CA TYR B 159 26.45 11.27 19.39
C TYR B 159 27.76 10.50 19.62
N THR B 160 27.62 9.16 19.78
CA THR B 160 28.74 8.24 19.99
C THR B 160 28.56 7.00 19.10
N VAL B 161 29.66 6.40 18.64
CA VAL B 161 29.64 5.13 17.87
C VAL B 161 30.43 4.07 18.64
N HIS B 162 29.80 2.92 18.95
CA HIS B 162 30.49 1.75 19.51
C HIS B 162 30.57 0.66 18.44
N LEU B 163 31.72 -0.04 18.35
CA LEU B 163 31.81 -1.29 17.60
C LEU B 163 31.72 -2.46 18.58
N LEU B 164 30.83 -3.42 18.31
CA LEU B 164 30.53 -4.55 19.19
C LEU B 164 30.80 -5.87 18.49
N GLN B 165 31.27 -6.88 19.23
CA GLN B 165 31.40 -8.25 18.70
C GLN B 165 30.25 -9.09 19.27
N LEU B 166 29.42 -9.66 18.39
CA LEU B 166 28.28 -10.49 18.75
C LEU B 166 28.65 -11.94 18.44
N GLU B 167 28.60 -12.82 19.46
CA GLU B 167 29.02 -14.22 19.33
C GLU B 167 27.82 -15.16 19.50
N ASN B 168 27.58 -16.02 18.49
CA ASN B 168 26.62 -17.14 18.56
C ASN B 168 27.36 -18.34 19.16
N ILE B 169 27.12 -18.58 20.44
CA ILE B 169 27.86 -19.60 21.19
C ILE B 169 27.47 -20.98 20.72
N ASN B 170 26.24 -21.17 20.27
CA ASN B 170 25.83 -22.49 19.83
C ASN B 170 26.52 -22.90 18.53
N SER B 171 26.78 -21.95 17.61
CA SER B 171 27.36 -22.28 16.31
C SER B 171 28.85 -21.95 16.17
N GLY B 172 29.46 -21.21 17.10
CA GLY B 172 30.88 -20.82 16.97
C GLY B 172 31.17 -19.71 15.99
N GLU B 173 30.15 -18.99 15.50
CA GLU B 173 30.32 -17.83 14.62
C GLU B 173 30.29 -16.52 15.42
N THR B 174 30.97 -15.46 14.91
CA THR B 174 30.84 -14.09 15.45
C THR B 174 30.69 -13.07 14.31
N ARG B 175 30.14 -11.87 14.65
CA ARG B 175 29.87 -10.78 13.69
C ARG B 175 30.12 -9.41 14.30
N THR B 176 30.74 -8.47 13.53
CA THR B 176 30.90 -7.09 14.03
C THR B 176 29.64 -6.27 13.78
N ILE B 177 29.10 -5.62 14.82
CA ILE B 177 27.89 -4.77 14.76
C ILE B 177 28.28 -3.30 15.00
N SER B 178 27.81 -2.37 14.15
CA SER B 178 27.98 -0.93 14.42
C SER B 178 26.77 -0.39 15.18
N HIS B 179 27.01 0.27 16.33
CA HIS B 179 25.97 0.78 17.23
C HIS B 179 26.07 2.31 17.21
N PHE B 180 25.12 2.99 16.53
CA PHE B 180 25.09 4.46 16.39
C PHE B 180 24.14 5.06 17.45
N HIS B 181 24.68 5.81 18.42
CA HIS B 181 23.91 6.28 19.59
C HIS B 181 23.81 7.81 19.55
N TYR B 182 22.62 8.32 19.23
CA TYR B 182 22.33 9.76 19.27
C TYR B 182 21.94 10.12 20.70
N THR B 183 22.75 10.96 21.37
CA THR B 183 22.67 11.10 22.82
C THR B 183 21.96 12.37 23.28
N THR B 184 21.55 13.24 22.35
CA THR B 184 20.95 14.54 22.69
C THR B 184 19.57 14.79 22.04
N TRP B 185 18.70 13.79 21.99
CA TRP B 185 17.36 13.93 21.40
C TRP B 185 16.30 13.60 22.46
N PRO B 186 15.66 14.61 23.09
CA PRO B 186 14.74 14.34 24.20
C PRO B 186 13.46 13.60 23.80
N ASP B 187 12.91 12.88 24.78
CA ASP B 187 11.64 12.18 24.65
C ASP B 187 10.51 13.17 24.31
N PHE B 188 9.72 12.84 23.27
CA PHE B 188 8.67 13.74 22.75
C PHE B 188 9.23 15.11 22.30
N GLY B 189 10.53 15.19 21.95
CA GLY B 189 11.16 16.42 21.48
C GLY B 189 11.83 16.33 20.11
N VAL B 190 12.69 17.29 19.75
CA VAL B 190 13.33 17.31 18.44
C VAL B 190 14.85 17.46 18.62
N PRO B 191 15.64 17.10 17.60
CA PRO B 191 17.10 17.31 17.69
C PRO B 191 17.48 18.78 17.65
N GLU B 192 18.76 19.04 17.94
CA GLU B 192 19.28 20.40 18.09
C GLU B 192 19.13 21.23 16.82
N SER B 193 19.38 20.63 15.66
CA SER B 193 19.26 21.37 14.42
C SER B 193 19.11 20.37 13.28
N PRO B 194 18.59 20.80 12.12
CA PRO B 194 18.64 19.93 10.93
C PRO B 194 20.05 19.47 10.58
N ALA B 195 21.04 20.35 10.68
CA ALA B 195 22.40 19.97 10.27
C ALA B 195 22.99 18.89 11.18
N SER B 196 22.69 18.94 12.47
CA SER B 196 23.17 17.90 13.39
C SER B 196 22.55 16.53 13.06
N PHE B 197 21.24 16.50 12.84
CA PHE B 197 20.56 15.24 12.47
C PHE B 197 21.10 14.68 11.15
N LEU B 198 21.31 15.56 10.15
CA LEU B 198 21.67 15.08 8.82
C LEU B 198 23.10 14.55 8.78
N ASN B 199 24.01 15.16 9.55
CA ASN B 199 25.36 14.62 9.69
C ASN B 199 25.34 13.22 10.27
N PHE B 200 24.48 12.97 11.27
CA PHE B 200 24.34 11.64 11.88
C PHE B 200 23.81 10.63 10.86
N LEU B 201 22.73 10.99 10.14
CA LEU B 201 22.14 10.11 9.11
C LEU B 201 23.14 9.75 8.02
N PHE B 202 23.94 10.72 7.56
CA PHE B 202 24.94 10.46 6.51
C PHE B 202 26.05 9.49 6.99
N LYS B 203 26.45 9.56 8.26
CA LYS B 203 27.40 8.57 8.81
C LYS B 203 26.82 7.15 8.79
N VAL B 204 25.58 6.98 9.24
CA VAL B 204 24.92 5.66 9.12
C VAL B 204 24.94 5.19 7.66
N ARG B 205 24.57 6.06 6.71
CA ARG B 205 24.52 5.67 5.29
C ARG B 205 25.91 5.25 4.77
N GLU B 206 26.96 6.01 5.14
CA GLU B 206 28.29 5.78 4.59
C GLU B 206 28.84 4.40 5.00
N SER B 207 28.41 3.88 6.15
CA SER B 207 28.91 2.57 6.60
C SER B 207 28.39 1.42 5.75
N GLY B 208 27.45 1.67 4.85
CA GLY B 208 26.88 0.62 4.03
C GLY B 208 25.74 -0.14 4.67
N SER B 209 25.34 0.22 5.89
CA SER B 209 24.42 -0.59 6.71
C SER B 209 22.97 -0.54 6.24
N LEU B 210 22.57 0.48 5.47
CA LEU B 210 21.20 0.56 4.96
C LEU B 210 21.03 -0.07 3.57
N ASN B 211 22.12 -0.59 2.97
CA ASN B 211 22.08 -1.06 1.58
C ASN B 211 21.41 -2.44 1.48
N PRO B 212 20.80 -2.76 0.33
CA PRO B 212 19.97 -3.98 0.26
C PRO B 212 20.75 -5.28 0.31
N ASP B 213 22.08 -5.28 0.32
CA ASP B 213 22.81 -6.54 0.43
C ASP B 213 22.94 -7.06 1.87
N HIS B 214 22.63 -6.25 2.89
CA HIS B 214 22.56 -6.71 4.28
C HIS B 214 21.10 -6.94 4.69
N GLY B 215 20.92 -7.53 5.88
CA GLY B 215 19.62 -7.55 6.47
C GLY B 215 19.19 -6.15 6.88
N PRO B 216 17.92 -5.97 7.25
CA PRO B 216 17.46 -4.63 7.67
C PRO B 216 18.17 -4.11 8.93
N ALA B 217 18.50 -2.81 8.94
CA ALA B 217 18.96 -2.18 10.17
C ALA B 217 17.86 -2.15 11.24
N VAL B 218 18.27 -2.30 12.51
CA VAL B 218 17.37 -2.22 13.66
C VAL B 218 17.37 -0.77 14.19
N ILE B 219 16.20 -0.12 14.20
CA ILE B 219 16.02 1.27 14.70
C ILE B 219 15.20 1.26 16.01
N HIS B 220 15.68 1.94 17.07
CA HIS B 220 14.88 1.99 18.30
C HIS B 220 15.10 3.29 19.12
N CYS B 221 14.11 3.59 19.96
CA CYS B 221 14.06 4.68 20.97
C CYS B 221 13.45 4.01 22.21
N SER B 222 12.58 4.68 23.00
CA SER B 222 11.97 3.94 24.14
C SER B 222 10.78 3.10 23.69
N ALA B 223 9.78 3.72 23.00
CA ALA B 223 8.64 2.96 22.46
C ALA B 223 8.82 2.49 21.02
N GLY B 224 9.83 2.99 20.30
CA GLY B 224 10.02 2.64 18.88
C GLY B 224 9.02 3.25 17.89
N ILE B 225 8.38 4.40 18.20
CA ILE B 225 7.43 5.05 17.27
C ILE B 225 7.68 6.55 17.00
N GLY B 226 8.04 7.33 18.03
CA GLY B 226 8.16 8.79 17.85
C GLY B 226 9.45 9.25 17.18
N ARG B 227 10.56 9.04 17.88
CA ARG B 227 11.88 9.37 17.34
C ARG B 227 12.30 8.38 16.23
N SER B 228 12.02 7.08 16.41
CA SER B 228 12.31 6.08 15.37
C SER B 228 11.52 6.39 14.09
N GLY B 229 10.25 6.81 14.21
CA GLY B 229 9.48 7.15 13.01
C GLY B 229 9.96 8.39 12.29
N THR B 230 10.41 9.40 13.05
CA THR B 230 10.98 10.60 12.45
C THR B 230 12.21 10.27 11.61
N PHE B 231 13.19 9.55 12.19
CA PHE B 231 14.42 9.14 11.48
C PHE B 231 14.10 8.39 10.18
N SER B 232 13.19 7.40 10.27
CA SER B 232 12.86 6.56 9.10
C SER B 232 12.13 7.35 8.01
N LEU B 233 11.16 8.21 8.36
CA LEU B 233 10.43 8.98 7.35
C LEU B 233 11.36 9.92 6.57
N VAL B 234 12.30 10.56 7.27
CA VAL B 234 13.25 11.43 6.55
C VAL B 234 14.14 10.63 5.60
N ASP B 235 14.68 9.47 6.04
CA ASP B 235 15.56 8.69 5.15
C ASP B 235 14.80 8.18 3.91
N THR B 236 13.58 7.65 4.09
CA THR B 236 12.78 7.18 2.94
C THR B 236 12.44 8.35 1.98
N CYS B 237 11.97 9.49 2.50
CA CYS B 237 11.58 10.58 1.60
C CYS B 237 12.77 11.09 0.79
N LEU B 238 13.98 11.10 1.38
CA LEU B 238 15.18 11.52 0.64
C LEU B 238 15.54 10.54 -0.47
N VAL B 239 15.41 9.23 -0.24
CA VAL B 239 15.69 8.25 -1.30
C VAL B 239 14.71 8.42 -2.47
N LEU B 240 13.42 8.61 -2.20
CA LEU B 240 12.44 8.77 -3.29
C LEU B 240 12.75 10.01 -4.13
N MET B 241 13.11 11.11 -3.47
CA MET B 241 13.44 12.34 -4.22
C MET B 241 14.67 12.15 -5.10
N GLU B 242 15.69 11.47 -4.57
CA GLU B 242 16.91 11.25 -5.35
C GLU B 242 16.61 10.48 -6.63
N LYS B 243 15.67 9.54 -6.56
CA LYS B 243 15.39 8.77 -7.77
C LYS B 243 14.48 9.52 -8.75
N GLY B 244 13.87 10.64 -8.35
CA GLY B 244 13.11 11.46 -9.27
C GLY B 244 11.61 11.52 -9.03
N ASP B 245 11.09 10.84 -8.00
CA ASP B 245 9.65 10.89 -7.72
C ASP B 245 9.24 12.29 -7.28
N ASP B 246 7.96 12.60 -7.52
CA ASP B 246 7.30 13.80 -7.01
C ASP B 246 6.47 13.44 -5.78
N ILE B 247 7.02 13.65 -4.58
CA ILE B 247 6.48 12.98 -3.39
C ILE B 247 5.51 13.88 -2.62
N ASN B 248 4.65 13.22 -1.84
CA ASN B 248 3.67 13.82 -0.95
C ASN B 248 3.95 13.29 0.48
N ILE B 249 4.43 14.16 1.38
CA ILE B 249 4.93 13.69 2.70
C ILE B 249 3.81 13.10 3.54
N LYS B 250 2.63 13.73 3.53
CA LYS B 250 1.48 13.19 4.24
C LYS B 250 1.17 11.78 3.77
N GLN B 251 1.20 11.54 2.45
CA GLN B 251 0.86 10.23 1.90
C GLN B 251 1.93 9.17 2.23
N VAL B 252 3.21 9.54 2.16
CA VAL B 252 4.30 8.62 2.56
C VAL B 252 4.14 8.20 4.03
N LEU B 253 3.86 9.16 4.93
CA LEU B 253 3.78 8.83 6.36
C LEU B 253 2.58 7.92 6.66
N LEU B 254 1.42 8.20 6.04
CA LEU B 254 0.26 7.33 6.24
C LEU B 254 0.51 5.91 5.73
N ASN B 255 1.27 5.77 4.65
CA ASN B 255 1.64 4.46 4.15
C ASN B 255 2.58 3.72 5.10
N MET B 256 3.59 4.41 5.69
CA MET B 256 4.45 3.70 6.65
C MET B 256 3.74 3.37 7.96
N ARG B 257 2.73 4.15 8.35
CA ARG B 257 1.93 3.80 9.51
C ARG B 257 1.13 2.52 9.31
N LYS B 258 0.99 2.03 8.08
CA LYS B 258 0.36 0.72 7.89
C LYS B 258 1.24 -0.44 8.37
N TYR B 259 2.53 -0.21 8.61
CA TYR B 259 3.45 -1.24 9.11
C TYR B 259 3.69 -1.22 10.62
N ARG B 260 3.64 -0.03 11.27
CA ARG B 260 3.74 0.11 12.74
C ARG B 260 2.92 1.32 13.19
N MET B 261 2.18 1.20 14.30
CA MET B 261 1.24 2.25 14.73
C MET B 261 1.98 3.49 15.27
N GLY B 262 1.39 4.67 15.02
CA GLY B 262 1.78 5.89 15.74
C GLY B 262 3.09 6.57 15.36
N LEU B 263 3.67 6.29 14.19
CA LEU B 263 4.95 6.89 13.82
C LEU B 263 4.83 8.42 13.76
N ILE B 264 5.74 9.11 14.45
CA ILE B 264 5.75 10.56 14.65
C ILE B 264 4.64 10.96 15.63
N GLN B 265 5.07 11.51 16.79
CA GLN B 265 4.22 11.68 17.96
C GLN B 265 3.86 13.13 18.31
N THR B 266 4.41 14.16 17.65
CA THR B 266 4.03 15.53 17.98
C THR B 266 3.99 16.41 16.72
N PRO B 267 3.21 17.50 16.74
CA PRO B 267 3.28 18.46 15.61
C PRO B 267 4.67 19.02 15.36
N ASP B 268 5.49 19.23 16.40
CA ASP B 268 6.85 19.73 16.15
C ASP B 268 7.76 18.68 15.50
N GLN B 269 7.57 17.39 15.80
CA GLN B 269 8.35 16.35 15.11
C GLN B 269 7.98 16.28 13.62
N LEU B 270 6.70 16.52 13.26
CA LEU B 270 6.32 16.62 11.85
C LEU B 270 6.98 17.84 11.17
N ARG B 271 6.92 19.00 11.83
CA ARG B 271 7.57 20.19 11.28
C ARG B 271 9.06 19.95 11.08
N PHE B 272 9.71 19.33 12.06
CA PHE B 272 11.14 19.05 11.94
C PHE B 272 11.43 18.14 10.75
N SER B 273 10.58 17.12 10.51
CA SER B 273 10.77 16.22 9.37
C SER B 273 10.79 17.00 8.03
N TYR B 274 9.85 17.94 7.84
CA TYR B 274 9.84 18.75 6.62
C TYR B 274 11.16 19.49 6.40
N MET B 275 11.66 20.14 7.48
CA MET B 275 12.87 20.96 7.40
C MET B 275 14.09 20.12 7.06
N ALA B 276 14.23 18.95 7.70
CA ALA B 276 15.38 18.11 7.38
C ALA B 276 15.26 17.50 5.99
N ILE B 277 14.05 17.28 5.47
CA ILE B 277 13.93 16.80 4.09
C ILE B 277 14.31 17.91 3.10
N ILE B 278 13.83 19.14 3.33
CA ILE B 278 14.21 20.26 2.46
C ILE B 278 15.73 20.46 2.45
N GLU B 279 16.34 20.62 3.63
CA GLU B 279 17.79 20.85 3.71
C GLU B 279 18.59 19.68 3.15
N GLY B 280 18.17 18.45 3.44
CA GLY B 280 18.92 17.31 2.94
C GLY B 280 18.87 17.20 1.41
N ALA B 281 17.71 17.51 0.82
CA ALA B 281 17.58 17.45 -0.63
C ALA B 281 18.54 18.43 -1.32
N LYS B 282 18.75 19.61 -0.75
CA LYS B 282 19.72 20.56 -1.29
C LYS B 282 21.14 20.02 -1.23
N CYS B 283 21.48 19.24 -0.21
CA CYS B 283 22.83 18.71 -0.06
C CYS B 283 23.17 17.68 -1.14
N ILE B 284 22.28 16.72 -1.37
CA ILE B 284 22.59 15.57 -2.24
C ILE B 284 22.97 15.99 -3.65
#